data_3CUG
#
_entry.id   3CUG
#
_cell.length_a   85.722
_cell.length_b   85.722
_cell.length_c   79.042
_cell.angle_alpha   90.000
_cell.angle_beta   90.000
_cell.angle_gamma   90.000
#
_symmetry.space_group_name_H-M   'P 41 21 2'
#
loop_
_entity.id
_entity.type
_entity.pdbx_description
1 polymer Exo-beta-1,4-glucanase
2 non-polymer '(3R,4R,5R)-3-hydroxy-5-(hydroxymethyl)piperidin-4-yl beta-D-glucopyranosyl-(1->4)-beta-D-glucopyranosyl-(1->4)-beta-D-glucopyranoside'
3 water water
#
_entity_poly.entity_id   1
_entity_poly.type   'polypeptide(L)'
_entity_poly.pdbx_seq_one_letter_code
;ATTLKEAADGAGRDFGFALDPNRLSEAQYKAIADSEFNLVVAENAMKWDATEPSQNSFSFGAGDRVASYAADTGKELYGH
TLVWHSQLPDWAKNLNGSAFESAMVNHVTKVADHFEGKVASWDVVNEAFADGGGRRQDSAFQQKLGNGYIETAFRAARAA
DPTAKLCINDYNVEGINAKSNSLYDLVKDFKARGVPLDCVGFQSHLIVGQVPGDFRQNLQRFADLGVDVRITELDIRMRT
PSDATKLATQAADYKKVVQACMQVTRCQGVTVWGITDKYSWVPDVFPGEGAALVWDASYAKKPAYAAVMEAFGAS
;
_entity_poly.pdbx_strand_id   A
#
# COMPACT_ATOMS: atom_id res chain seq x y z
N ALA A 1 20.13 10.90 13.16
CA ALA A 1 19.56 10.85 11.79
C ALA A 1 19.22 12.25 11.25
N THR A 2 19.54 12.46 9.97
CA THR A 2 19.28 13.74 9.30
C THR A 2 18.24 13.55 8.20
N THR A 3 17.87 12.29 7.96
CA THR A 3 16.82 11.99 7.00
C THR A 3 15.86 10.95 7.57
N LEU A 4 14.66 10.87 6.98
CA LEU A 4 13.70 9.84 7.39
C LEU A 4 14.25 8.45 7.07
N LYS A 5 14.95 8.33 5.95
CA LYS A 5 15.64 7.10 5.57
C LYS A 5 16.60 6.65 6.69
N GLU A 6 17.44 7.56 7.15
CA GLU A 6 18.34 7.25 8.27
C GLU A 6 17.58 6.82 9.52
N ALA A 7 16.48 7.49 9.81
CA ALA A 7 15.68 7.16 10.99
C ALA A 7 15.12 5.74 10.89
N ALA A 8 14.49 5.42 9.75
CA ALA A 8 13.95 4.08 9.52
C ALA A 8 15.03 2.99 9.47
N ASP A 9 16.09 3.27 8.73
CA ASP A 9 17.25 2.37 8.63
C ASP A 9 17.73 2.04 10.04
N GLY A 10 17.95 3.09 10.84
CA GLY A 10 18.42 2.91 12.23
C GLY A 10 17.48 2.09 13.09
N ALA A 11 16.17 2.18 12.80
CA ALA A 11 15.16 1.44 13.53
C ALA A 11 14.98 0.00 13.06
N GLY A 12 15.65 -0.35 11.96
CA GLY A 12 15.45 -1.66 11.37
C GLY A 12 14.09 -1.83 10.72
N ARG A 13 13.56 -0.76 10.16
CA ARG A 13 12.23 -0.79 9.53
C ARG A 13 12.28 -0.15 8.15
N ASP A 14 11.19 -0.32 7.41
CA ASP A 14 11.03 0.29 6.08
C ASP A 14 10.26 1.61 6.17
N PHE A 15 10.73 2.60 5.41
CA PHE A 15 9.97 3.83 5.21
C PHE A 15 9.95 4.05 3.72
N GLY A 16 8.75 3.91 3.15
CA GLY A 16 8.61 3.88 1.70
C GLY A 16 7.76 5.02 1.18
N PHE A 17 7.77 5.19 -0.15
CA PHE A 17 6.86 6.13 -0.81
C PHE A 17 6.27 5.53 -2.10
N ALA A 18 5.12 6.07 -2.49
CA ALA A 18 4.46 5.75 -3.77
C ALA A 18 5.02 6.64 -4.87
N LEU A 19 5.65 5.97 -5.83
CA LEU A 19 6.35 6.60 -6.95
C LEU A 19 5.49 6.70 -8.21
N ASP A 20 5.53 7.87 -8.84
CA ASP A 20 5.09 8.08 -10.21
C ASP A 20 6.37 8.18 -11.04
N PRO A 21 6.66 7.16 -11.88
CA PRO A 21 7.99 7.19 -12.53
C PRO A 21 8.17 8.40 -13.46
N ASN A 22 7.07 8.97 -13.93
CA ASN A 22 7.16 10.18 -14.76
C ASN A 22 7.74 11.38 -14.02
N ARG A 23 7.55 11.43 -12.70
CA ARG A 23 8.05 12.54 -11.89
C ARG A 23 9.56 12.46 -11.59
N LEU A 24 10.20 11.34 -11.97
CA LEU A 24 11.64 11.20 -11.75
C LEU A 24 12.44 12.23 -12.57
N SER A 25 11.82 12.73 -13.63
CA SER A 25 12.44 13.77 -14.47
C SER A 25 12.37 15.15 -13.81
N GLU A 26 11.64 15.27 -12.71
CA GLU A 26 11.65 16.46 -11.88
C GLU A 26 12.69 16.25 -10.77
N ALA A 27 13.80 16.97 -10.88
CA ALA A 27 14.99 16.68 -10.08
C ALA A 27 14.74 16.81 -8.58
N GLN A 28 13.91 17.78 -8.19
CA GLN A 28 13.60 17.94 -6.74
C GLN A 28 12.86 16.71 -6.20
N TYR A 29 11.90 16.25 -6.99
CA TYR A 29 11.16 15.02 -6.62
C TYR A 29 12.13 13.83 -6.52
N LYS A 30 12.98 13.67 -7.55
CA LYS A 30 13.97 12.59 -7.50
C LYS A 30 14.95 12.71 -6.31
N ALA A 31 15.38 13.94 -6.00
CA ALA A 31 16.32 14.13 -4.87
C ALA A 31 15.75 13.62 -3.56
N ILE A 32 14.46 13.93 -3.32
CA ILE A 32 13.79 13.53 -2.09
C ILE A 32 13.55 12.02 -2.11
N ALA A 33 13.08 11.49 -3.24
CA ALA A 33 12.90 10.04 -3.41
C ALA A 33 14.19 9.30 -3.10
N ASP A 34 15.30 9.80 -3.63
CA ASP A 34 16.57 9.11 -3.48
C ASP A 34 17.05 9.08 -2.04
N SER A 35 16.82 10.18 -1.30
CA SER A 35 17.44 10.38 0.01
C SER A 35 16.57 10.08 1.22
N GLU A 36 15.24 10.03 1.05
CA GLU A 36 14.38 10.00 2.22
C GLU A 36 13.65 8.69 2.46
N PHE A 37 13.81 7.73 1.57
CA PHE A 37 13.05 6.46 1.64
C PHE A 37 13.95 5.26 1.41
N ASN A 38 13.62 4.12 2.02
CA ASN A 38 14.37 2.89 1.74
C ASN A 38 13.50 1.80 1.09
N LEU A 39 12.29 2.21 0.70
CA LEU A 39 11.35 1.31 0.00
C LEU A 39 10.55 2.11 -1.03
N VAL A 40 10.21 1.46 -2.15
CA VAL A 40 9.33 2.13 -3.11
C VAL A 40 8.21 1.20 -3.58
N VAL A 41 7.05 1.81 -3.85
CA VAL A 41 5.90 1.12 -4.44
C VAL A 41 5.45 1.96 -5.61
N ALA A 42 4.90 1.33 -6.65
CA ALA A 42 4.34 2.08 -7.78
C ALA A 42 2.96 2.59 -7.39
N GLU A 43 2.78 3.90 -7.47
CA GLU A 43 1.46 4.46 -7.18
C GLU A 43 0.38 3.92 -8.15
N ASN A 44 0.75 3.76 -9.42
CA ASN A 44 -0.19 3.35 -10.48
C ASN A 44 0.40 2.38 -11.52
N ALA A 45 1.73 2.40 -11.69
CA ALA A 45 2.37 1.70 -12.83
C ALA A 45 2.26 0.18 -12.86
N MET A 46 1.93 -0.45 -11.71
CA MET A 46 1.80 -1.90 -11.69
C MET A 46 0.37 -2.39 -11.54
N LYS A 47 -0.59 -1.48 -11.67
CA LYS A 47 -2.00 -1.86 -11.63
C LYS A 47 -2.40 -2.54 -12.94
N TRP A 48 -3.57 -3.16 -12.93
CA TRP A 48 -4.02 -3.92 -14.09
C TRP A 48 -4.14 -3.02 -15.34
N ASP A 49 -4.79 -1.85 -15.21
CA ASP A 49 -4.91 -0.96 -16.37
C ASP A 49 -3.56 -0.56 -16.97
N ALA A 50 -2.56 -0.42 -16.10
CA ALA A 50 -1.22 -0.01 -16.50
C ALA A 50 -0.40 -1.14 -17.09
N THR A 51 -0.81 -2.38 -16.83
CA THR A 51 0.02 -3.50 -17.23
C THR A 51 -0.59 -4.43 -18.27
N GLU A 52 -1.92 -4.50 -18.33
CA GLU A 52 -2.56 -5.40 -19.29
C GLU A 52 -3.75 -4.68 -19.96
N PRO A 53 -3.45 -3.73 -20.87
CA PRO A 53 -4.48 -2.88 -21.44
C PRO A 53 -5.45 -3.62 -22.37
N SER A 54 -4.99 -4.72 -22.99
CA SER A 54 -5.90 -5.63 -23.70
C SER A 54 -5.57 -7.06 -23.31
N GLN A 55 -6.48 -7.98 -23.61
CA GLN A 55 -6.32 -9.33 -23.07
C GLN A 55 -5.01 -10.02 -23.49
N ASN A 56 -4.23 -10.40 -22.47
CA ASN A 56 -2.94 -11.04 -22.65
C ASN A 56 -1.94 -10.24 -23.50
N SER A 57 -2.07 -8.92 -23.47
CA SER A 57 -1.11 -8.03 -24.11
C SER A 57 -0.63 -7.09 -23.01
N PHE A 58 0.65 -7.17 -22.70
CA PHE A 58 1.21 -6.50 -21.50
C PHE A 58 2.05 -5.28 -21.85
N SER A 59 2.00 -4.29 -20.97
CA SER A 59 2.73 -3.04 -21.14
C SER A 59 3.54 -2.79 -19.86
N PHE A 60 4.74 -3.35 -19.81
CA PHE A 60 5.52 -3.29 -18.58
C PHE A 60 6.50 -2.11 -18.49
N GLY A 61 6.49 -1.22 -19.47
CA GLY A 61 7.51 -0.13 -19.48
C GLY A 61 7.49 0.68 -18.18
N ALA A 62 6.30 1.11 -17.76
CA ALA A 62 6.20 2.00 -16.59
C ALA A 62 6.57 1.25 -15.29
N GLY A 63 6.05 0.04 -15.14
CA GLY A 63 6.39 -0.77 -14.00
C GLY A 63 7.88 -1.13 -13.94
N ASP A 64 8.46 -1.44 -15.10
CA ASP A 64 9.90 -1.69 -15.19
C ASP A 64 10.69 -0.45 -14.74
N ARG A 65 10.20 0.74 -15.13
CA ARG A 65 10.88 1.99 -14.72
C ARG A 65 10.93 2.13 -13.17
N VAL A 66 9.84 1.75 -12.52
CA VAL A 66 9.78 1.74 -11.04
C VAL A 66 10.74 0.68 -10.48
N ALA A 67 10.69 -0.53 -11.02
CA ALA A 67 11.58 -1.60 -10.56
C ALA A 67 13.05 -1.21 -10.73
N SER A 68 13.38 -0.63 -11.88
CA SER A 68 14.75 -0.22 -12.16
C SER A 68 15.19 0.87 -11.18
N TYR A 69 14.28 1.80 -10.88
CA TYR A 69 14.56 2.85 -9.90
C TYR A 69 14.92 2.23 -8.55
N ALA A 70 14.11 1.28 -8.09
CA ALA A 70 14.41 0.58 -6.83
C ALA A 70 15.78 -0.10 -6.87
N ALA A 71 16.08 -0.81 -7.96
CA ALA A 71 17.34 -1.53 -7.99
C ALA A 71 18.50 -0.52 -8.03
N ASP A 72 18.33 0.56 -8.80
CA ASP A 72 19.43 1.52 -8.96
C ASP A 72 19.78 2.23 -7.65
N THR A 73 18.78 2.44 -6.80
CA THR A 73 18.94 3.22 -5.58
C THR A 73 19.01 2.31 -4.34
N GLY A 74 18.98 0.99 -4.54
CA GLY A 74 19.05 0.04 -3.44
C GLY A 74 17.88 0.12 -2.47
N LYS A 75 16.68 0.32 -3.01
CA LYS A 75 15.47 0.31 -2.17
C LYS A 75 14.69 -0.98 -2.32
N GLU A 76 14.05 -1.41 -1.24
N GLU A 76 14.02 -1.40 -1.24
CA GLU A 76 13.11 -2.52 -1.34
CA GLU A 76 13.07 -2.52 -1.31
C GLU A 76 12.02 -2.14 -2.33
C GLU A 76 11.93 -2.17 -2.24
N LEU A 77 11.51 -3.14 -3.05
CA LEU A 77 10.42 -2.90 -3.99
C LEU A 77 9.16 -3.62 -3.54
N TYR A 78 8.08 -2.86 -3.43
CA TYR A 78 6.80 -3.40 -2.97
C TYR A 78 5.84 -3.36 -4.15
N GLY A 79 5.08 -4.44 -4.35
CA GLY A 79 4.26 -4.54 -5.55
C GLY A 79 2.79 -4.24 -5.33
N HIS A 80 2.24 -3.30 -6.13
CA HIS A 80 0.84 -2.90 -5.93
C HIS A 80 0.21 -2.77 -7.33
N THR A 81 -0.84 -3.51 -7.71
CA THR A 81 -1.53 -4.55 -6.94
C THR A 81 -2.13 -5.48 -7.99
N LEU A 82 -2.14 -6.77 -7.71
CA LEU A 82 -2.49 -7.74 -8.75
C LEU A 82 -3.98 -7.81 -9.05
N VAL A 83 -4.77 -7.80 -7.98
CA VAL A 83 -6.24 -7.95 -8.09
C VAL A 83 -6.93 -6.85 -7.30
N TRP A 84 -7.62 -5.99 -8.03
CA TRP A 84 -8.33 -4.82 -7.47
C TRP A 84 -9.52 -4.46 -8.37
N HIS A 85 -10.64 -4.14 -7.74
CA HIS A 85 -11.87 -3.90 -8.50
C HIS A 85 -11.82 -2.58 -9.26
N SER A 86 -11.00 -1.66 -8.78
CA SER A 86 -10.96 -0.32 -9.35
CA SER A 86 -10.94 -0.32 -9.36
C SER A 86 -10.02 -0.24 -10.55
N GLN A 87 -10.43 0.58 -11.51
CA GLN A 87 -9.66 0.84 -12.73
C GLN A 87 -9.51 -0.41 -13.59
N LEU A 88 -10.34 -1.42 -13.38
CA LEU A 88 -10.20 -2.65 -14.15
C LEU A 88 -10.57 -2.35 -15.62
N PRO A 89 -9.72 -2.73 -16.58
CA PRO A 89 -10.06 -2.43 -17.99
C PRO A 89 -11.40 -3.02 -18.41
N ASP A 90 -12.09 -2.31 -19.31
CA ASP A 90 -13.38 -2.78 -19.81
C ASP A 90 -13.35 -4.18 -20.41
N TRP A 91 -12.26 -4.56 -21.08
CA TRP A 91 -12.18 -5.90 -21.67
C TRP A 91 -12.34 -6.99 -20.60
N ALA A 92 -11.84 -6.71 -19.40
CA ALA A 92 -11.94 -7.70 -18.32
C ALA A 92 -13.34 -7.72 -17.73
N LYS A 93 -13.91 -6.51 -17.53
CA LYS A 93 -15.28 -6.37 -17.03
C LYS A 93 -16.27 -7.08 -17.96
N ASN A 94 -15.92 -7.18 -19.24
CA ASN A 94 -16.79 -7.82 -20.24
C ASN A 94 -16.78 -9.34 -20.25
N LEU A 95 -15.85 -9.92 -19.50
CA LEU A 95 -15.73 -11.36 -19.41
C LEU A 95 -16.54 -11.87 -18.24
N ASN A 96 -16.92 -13.14 -18.31
CA ASN A 96 -17.65 -13.76 -17.22
C ASN A 96 -17.22 -15.19 -16.98
N GLY A 97 -17.64 -15.73 -15.84
CA GLY A 97 -17.46 -17.13 -15.52
C GLY A 97 -16.02 -17.55 -15.65
N SER A 98 -15.80 -18.72 -16.26
CA SER A 98 -14.46 -19.25 -16.37
C SER A 98 -13.52 -18.38 -17.20
N ALA A 99 -14.06 -17.66 -18.19
CA ALA A 99 -13.26 -16.75 -19.03
C ALA A 99 -12.69 -15.62 -18.16
N PHE A 100 -13.52 -15.10 -17.25
CA PHE A 100 -13.08 -14.05 -16.33
C PHE A 100 -12.08 -14.61 -15.33
N GLU A 101 -12.41 -15.75 -14.72
CA GLU A 101 -11.45 -16.41 -13.82
C GLU A 101 -10.09 -16.61 -14.48
N SER A 102 -10.09 -17.11 -15.72
CA SER A 102 -8.84 -17.36 -16.40
CA SER A 102 -8.87 -17.35 -16.49
C SER A 102 -8.08 -16.06 -16.67
N ALA A 103 -8.80 -14.98 -17.01
CA ALA A 103 -8.16 -13.65 -17.19
C ALA A 103 -7.49 -13.16 -15.89
N MET A 104 -8.16 -13.34 -14.74
CA MET A 104 -7.56 -13.00 -13.44
C MET A 104 -6.29 -13.80 -13.17
N VAL A 105 -6.41 -15.11 -13.34
CA VAL A 105 -5.29 -16.01 -13.11
C VAL A 105 -4.12 -15.65 -14.03
N ASN A 106 -4.42 -15.37 -15.30
CA ASN A 106 -3.37 -15.05 -16.27
C ASN A 106 -2.71 -13.74 -15.87
N HIS A 107 -3.53 -12.79 -15.43
CA HIS A 107 -2.98 -11.50 -15.01
C HIS A 107 -2.01 -11.66 -13.82
N VAL A 108 -2.48 -12.34 -12.78
CA VAL A 108 -1.63 -12.59 -11.62
C VAL A 108 -0.33 -13.29 -12.04
N THR A 109 -0.47 -14.35 -12.85
CA THR A 109 0.68 -15.15 -13.26
C THR A 109 1.70 -14.33 -14.05
N LYS A 110 1.24 -13.64 -15.09
CA LYS A 110 2.16 -12.91 -15.94
C LYS A 110 2.84 -11.74 -15.21
N VAL A 111 2.07 -11.02 -14.40
CA VAL A 111 2.65 -9.86 -13.70
C VAL A 111 3.64 -10.34 -12.62
N ALA A 112 3.25 -11.34 -11.83
CA ALA A 112 4.17 -11.84 -10.80
C ALA A 112 5.44 -12.46 -11.46
N ASP A 113 5.27 -13.19 -12.56
CA ASP A 113 6.44 -13.79 -13.25
C ASP A 113 7.35 -12.68 -13.78
N HIS A 114 6.73 -11.65 -14.33
CA HIS A 114 7.52 -10.60 -14.96
C HIS A 114 8.46 -9.94 -13.93
N PHE A 115 7.93 -9.72 -12.73
CA PHE A 115 8.69 -9.00 -11.69
C PHE A 115 9.36 -9.90 -10.66
N GLU A 116 9.33 -11.22 -10.90
CA GLU A 116 9.89 -12.17 -9.98
C GLU A 116 11.36 -11.88 -9.70
N GLY A 117 11.72 -11.88 -8.42
CA GLY A 117 13.11 -11.60 -7.99
C GLY A 117 13.44 -10.12 -7.90
N LYS A 118 12.49 -9.27 -8.32
CA LYS A 118 12.60 -7.80 -8.17
C LYS A 118 11.61 -7.28 -7.12
N VAL A 119 10.32 -7.60 -7.30
CA VAL A 119 9.31 -7.28 -6.30
C VAL A 119 9.42 -8.23 -5.12
N ALA A 120 9.61 -7.68 -3.93
CA ALA A 120 9.79 -8.51 -2.73
C ALA A 120 8.48 -8.95 -2.08
N SER A 121 7.43 -8.12 -2.25
CA SER A 121 6.11 -8.35 -1.64
C SER A 121 5.07 -7.83 -2.62
N TRP A 122 3.92 -8.51 -2.65
CA TRP A 122 2.80 -8.07 -3.49
C TRP A 122 1.56 -7.81 -2.66
N ASP A 123 0.85 -6.73 -2.96
CA ASP A 123 -0.59 -6.68 -2.64
C ASP A 123 -1.27 -7.59 -3.66
N VAL A 124 -1.45 -8.86 -3.32
CA VAL A 124 -2.10 -9.77 -4.25
C VAL A 124 -3.56 -9.40 -4.47
N VAL A 125 -4.26 -9.12 -3.37
CA VAL A 125 -5.67 -8.69 -3.42
C VAL A 125 -5.77 -7.39 -2.64
N ASN A 126 -6.44 -6.43 -3.25
CA ASN A 126 -6.63 -5.12 -2.64
C ASN A 126 -8.11 -4.82 -2.44
N GLU A 127 -8.47 -4.31 -1.25
CA GLU A 127 -9.83 -3.76 -0.99
C GLU A 127 -10.98 -4.76 -1.23
N ALA A 128 -10.82 -5.97 -0.71
CA ALA A 128 -11.83 -7.04 -0.83
C ALA A 128 -13.04 -6.88 0.09
N PHE A 129 -12.92 -6.07 1.14
CA PHE A 129 -13.95 -6.01 2.18
C PHE A 129 -14.78 -4.74 2.13
N ALA A 130 -15.87 -4.73 2.91
CA ALA A 130 -16.81 -3.63 2.89
C ALA A 130 -16.79 -2.92 4.22
N ASP A 131 -16.90 -1.59 4.18
CA ASP A 131 -17.11 -0.84 5.41
C ASP A 131 -18.38 -1.45 6.01
N GLY A 132 -18.31 -1.79 7.29
CA GLY A 132 -19.46 -2.34 8.01
C GLY A 132 -19.46 -3.86 8.03
N GLY A 133 -18.46 -4.44 7.35
CA GLY A 133 -18.22 -5.88 7.40
C GLY A 133 -18.67 -6.62 6.17
N GLY A 134 -18.12 -7.83 6.00
CA GLY A 134 -18.41 -8.65 4.84
C GLY A 134 -17.65 -8.24 3.59
N ARG A 135 -18.06 -8.79 2.45
CA ARG A 135 -17.33 -8.54 1.19
C ARG A 135 -17.78 -7.26 0.51
N ARG A 136 -16.83 -6.62 -0.19
CA ARG A 136 -17.11 -5.48 -1.03
C ARG A 136 -18.23 -5.77 -2.03
N GLN A 137 -19.09 -4.78 -2.21
CA GLN A 137 -20.33 -4.89 -2.98
C GLN A 137 -20.33 -4.30 -4.41
N ASP A 138 -19.23 -3.66 -4.81
CA ASP A 138 -19.13 -3.12 -6.16
C ASP A 138 -17.87 -3.66 -6.86
N SER A 139 -17.54 -4.92 -6.59
CA SER A 139 -16.35 -5.56 -7.18
C SER A 139 -16.68 -6.58 -8.25
N ALA A 140 -16.07 -6.42 -9.43
CA ALA A 140 -16.19 -7.39 -10.52
C ALA A 140 -15.75 -8.78 -10.09
N PHE A 141 -14.70 -8.84 -9.28
CA PHE A 141 -14.21 -10.13 -8.80
C PHE A 141 -15.21 -10.84 -7.88
N GLN A 142 -15.73 -10.09 -6.90
CA GLN A 142 -16.70 -10.64 -5.97
C GLN A 142 -17.97 -11.07 -6.74
N GLN A 143 -18.42 -10.22 -7.66
CA GLN A 143 -19.68 -10.45 -8.38
C GLN A 143 -19.61 -11.59 -9.39
N LYS A 144 -18.46 -11.73 -10.05
CA LYS A 144 -18.31 -12.75 -11.09
C LYS A 144 -17.78 -14.08 -10.58
N LEU A 145 -17.02 -14.05 -9.50
CA LEU A 145 -16.34 -15.25 -8.99
C LEU A 145 -16.74 -15.66 -7.59
N GLY A 146 -17.31 -14.74 -6.81
CA GLY A 146 -17.73 -15.06 -5.44
C GLY A 146 -16.58 -15.18 -4.47
N ASN A 147 -16.86 -15.76 -3.31
CA ASN A 147 -15.87 -15.73 -2.21
C ASN A 147 -14.52 -16.31 -2.52
N GLY A 148 -14.49 -17.36 -3.35
CA GLY A 148 -13.23 -18.09 -3.58
C GLY A 148 -12.14 -17.35 -4.35
N TYR A 149 -12.44 -16.18 -4.92
CA TYR A 149 -11.44 -15.53 -5.83
C TYR A 149 -10.17 -15.13 -5.07
N ILE A 150 -10.31 -14.80 -3.79
CA ILE A 150 -9.14 -14.35 -3.01
C ILE A 150 -8.16 -15.53 -2.91
N GLU A 151 -8.66 -16.66 -2.44
CA GLU A 151 -7.78 -17.82 -2.37
C GLU A 151 -7.19 -18.20 -3.74
N THR A 152 -8.00 -18.16 -4.79
CA THR A 152 -7.49 -18.45 -6.15
C THR A 152 -6.31 -17.52 -6.49
N ALA A 153 -6.48 -16.23 -6.22
CA ALA A 153 -5.42 -15.23 -6.52
C ALA A 153 -4.14 -15.51 -5.73
N PHE A 154 -4.27 -15.75 -4.43
CA PHE A 154 -3.08 -16.06 -3.61
C PHE A 154 -2.37 -17.33 -4.07
N ARG A 155 -3.14 -18.39 -4.37
CA ARG A 155 -2.47 -19.62 -4.84
C ARG A 155 -1.78 -19.41 -6.20
N ALA A 156 -2.41 -18.66 -7.09
CA ALA A 156 -1.78 -18.36 -8.38
C ALA A 156 -0.51 -17.51 -8.22
N ALA A 157 -0.55 -16.57 -7.28
CA ALA A 157 0.61 -15.72 -7.06
C ALA A 157 1.78 -16.56 -6.53
N ARG A 158 1.50 -17.47 -5.60
CA ARG A 158 2.56 -18.33 -5.06
C ARG A 158 3.08 -19.31 -6.12
N ALA A 159 2.17 -19.78 -6.99
CA ALA A 159 2.59 -20.72 -8.06
C ALA A 159 3.60 -20.06 -8.99
N ALA A 160 3.39 -18.75 -9.24
CA ALA A 160 4.25 -17.94 -10.11
C ALA A 160 5.54 -17.55 -9.39
N ASP A 161 5.41 -17.14 -8.13
CA ASP A 161 6.53 -16.60 -7.37
C ASP A 161 6.63 -17.32 -6.03
N PRO A 162 7.48 -18.36 -5.96
CA PRO A 162 7.55 -19.16 -4.72
C PRO A 162 8.01 -18.44 -3.46
N THR A 163 8.68 -17.30 -3.59
CA THR A 163 9.24 -16.66 -2.41
C THR A 163 8.71 -15.28 -2.02
N ALA A 164 8.06 -14.57 -2.94
CA ALA A 164 7.59 -13.20 -2.65
C ALA A 164 6.63 -13.25 -1.46
N LYS A 165 6.66 -12.20 -0.64
CA LYS A 165 5.70 -12.09 0.46
C LYS A 165 4.37 -11.71 -0.15
N LEU A 166 3.34 -12.51 0.12
CA LEU A 166 2.04 -12.26 -0.48
C LEU A 166 1.08 -11.62 0.52
N CYS A 167 0.70 -10.36 0.23
CA CYS A 167 -0.12 -9.56 1.15
C CYS A 167 -1.55 -9.34 0.67
N ILE A 168 -2.47 -9.16 1.62
CA ILE A 168 -3.80 -8.61 1.33
C ILE A 168 -3.81 -7.21 1.94
N ASN A 169 -4.38 -6.25 1.22
CA ASN A 169 -4.32 -4.83 1.62
C ASN A 169 -5.72 -4.23 1.70
N ASP A 170 -5.96 -3.35 2.67
CA ASP A 170 -7.29 -2.70 2.74
C ASP A 170 -7.22 -1.39 3.51
N TYR A 171 -8.31 -0.63 3.41
CA TYR A 171 -8.44 0.64 4.16
C TYR A 171 -9.63 0.59 5.10
N ASN A 172 -9.72 1.56 6.02
CA ASN A 172 -10.75 1.55 7.06
C ASN A 172 -10.70 0.25 7.88
N VAL A 173 -9.51 -0.34 7.97
CA VAL A 173 -9.28 -1.57 8.75
C VAL A 173 -8.20 -1.32 9.80
N GLU A 174 -7.92 -0.05 10.08
CA GLU A 174 -6.87 0.31 11.00
C GLU A 174 -7.30 0.13 12.46
N GLY A 175 -8.56 0.47 12.72
CA GLY A 175 -9.16 0.17 14.02
C GLY A 175 -9.81 -1.21 14.01
N ILE A 176 -10.23 -1.66 15.20
CA ILE A 176 -10.95 -2.94 15.33
C ILE A 176 -12.44 -2.66 15.07
N ASN A 177 -12.94 -3.14 13.95
CA ASN A 177 -14.31 -2.86 13.54
C ASN A 177 -14.82 -4.02 12.67
N ALA A 178 -16.05 -3.92 12.16
CA ALA A 178 -16.62 -5.04 11.42
C ALA A 178 -15.77 -5.37 10.19
N LYS A 179 -15.25 -4.33 9.53
CA LYS A 179 -14.41 -4.54 8.33
C LYS A 179 -13.09 -5.26 8.66
N SER A 180 -12.35 -4.76 9.65
CA SER A 180 -11.11 -5.44 10.03
C SER A 180 -11.35 -6.81 10.68
N ASN A 181 -12.51 -6.99 11.30
CA ASN A 181 -12.87 -8.33 11.79
C ASN A 181 -13.07 -9.32 10.66
N SER A 182 -13.74 -8.90 9.58
CA SER A 182 -13.92 -9.75 8.40
C SER A 182 -12.55 -10.12 7.82
N LEU A 183 -11.68 -9.11 7.71
CA LEU A 183 -10.31 -9.32 7.18
C LEU A 183 -9.53 -10.29 8.09
N TYR A 184 -9.62 -10.06 9.39
CA TYR A 184 -9.03 -10.95 10.40
C TYR A 184 -9.48 -12.42 10.23
N ASP A 185 -10.79 -12.62 10.08
CA ASP A 185 -11.36 -13.97 9.88
C ASP A 185 -10.73 -14.67 8.68
N LEU A 186 -10.57 -13.93 7.58
CA LEU A 186 -9.96 -14.50 6.38
C LEU A 186 -8.49 -14.84 6.63
N VAL A 187 -7.75 -13.93 7.24
CA VAL A 187 -6.34 -14.19 7.48
C VAL A 187 -6.15 -15.45 8.34
N LYS A 188 -6.93 -15.53 9.42
CA LYS A 188 -6.87 -16.69 10.31
C LYS A 188 -7.23 -17.98 9.55
N ASP A 189 -8.28 -17.90 8.73
CA ASP A 189 -8.68 -19.04 7.89
C ASP A 189 -7.56 -19.50 6.94
N PHE A 190 -6.99 -18.53 6.22
CA PHE A 190 -5.94 -18.85 5.25
C PHE A 190 -4.75 -19.50 5.94
N LYS A 191 -4.32 -18.93 7.07
CA LYS A 191 -3.20 -19.51 7.78
C LYS A 191 -3.53 -20.92 8.30
N ALA A 192 -4.74 -21.10 8.81
CA ALA A 192 -5.19 -22.41 9.32
C ALA A 192 -5.13 -23.48 8.22
N ARG A 193 -5.47 -23.11 6.99
CA ARG A 193 -5.54 -24.07 5.87
C ARG A 193 -4.29 -24.11 4.97
N GLY A 194 -3.27 -23.33 5.31
CA GLY A 194 -2.05 -23.27 4.52
C GLY A 194 -2.18 -22.60 3.16
N VAL A 195 -3.19 -21.76 3.02
CA VAL A 195 -3.28 -20.90 1.83
C VAL A 195 -2.10 -19.90 1.90
N PRO A 196 -1.34 -19.73 0.80
CA PRO A 196 -0.21 -18.80 0.80
C PRO A 196 -0.69 -17.40 1.18
N LEU A 197 -0.07 -16.83 2.20
CA LEU A 197 -0.44 -15.49 2.70
C LEU A 197 0.61 -15.15 3.75
N ASP A 198 1.31 -14.04 3.55
CA ASP A 198 2.42 -13.70 4.43
C ASP A 198 2.29 -12.38 5.17
N CYS A 199 1.37 -11.52 4.72
CA CYS A 199 1.35 -10.14 5.23
C CYS A 199 0.00 -9.47 5.03
N VAL A 200 -0.25 -8.43 5.85
CA VAL A 200 -1.48 -7.67 5.75
C VAL A 200 -1.11 -6.21 5.71
N GLY A 201 -1.68 -5.49 4.73
CA GLY A 201 -1.43 -4.07 4.58
C GLY A 201 -2.61 -3.27 5.07
N PHE A 202 -2.29 -2.22 5.83
CA PHE A 202 -3.25 -1.28 6.40
C PHE A 202 -3.00 0.08 5.74
N GLN A 203 -3.85 0.44 4.78
CA GLN A 203 -3.60 1.60 3.93
C GLN A 203 -3.41 2.89 4.73
N SER A 204 -4.25 3.11 5.74
CA SER A 204 -4.09 4.31 6.60
C SER A 204 -4.24 5.63 5.83
N HIS A 205 -5.30 5.70 5.02
CA HIS A 205 -5.77 6.98 4.47
C HIS A 205 -6.66 7.60 5.54
N LEU A 206 -6.04 8.41 6.38
CA LEU A 206 -6.67 8.92 7.60
C LEU A 206 -7.03 10.39 7.44
N ILE A 207 -7.88 10.85 8.36
CA ILE A 207 -8.25 12.27 8.40
C ILE A 207 -7.58 12.90 9.62
N VAL A 208 -7.07 14.14 9.46
CA VAL A 208 -6.38 14.81 10.55
C VAL A 208 -7.23 14.82 11.82
N GLY A 209 -6.61 14.41 12.92
CA GLY A 209 -7.26 14.34 14.21
C GLY A 209 -8.08 13.06 14.44
N GLN A 210 -7.97 12.09 13.53
CA GLN A 210 -8.78 10.89 13.64
C GLN A 210 -7.98 9.59 13.46
N VAL A 211 -6.92 9.43 14.24
CA VAL A 211 -6.12 8.18 14.21
C VAL A 211 -6.74 7.19 15.20
N PRO A 212 -7.09 5.97 14.74
CA PRO A 212 -7.71 4.99 15.66
C PRO A 212 -6.81 4.74 16.86
N GLY A 213 -7.38 4.83 18.06
CA GLY A 213 -6.57 4.63 19.28
C GLY A 213 -6.20 3.17 19.48
N ASP A 214 -6.93 2.28 18.81
CA ASP A 214 -6.67 0.83 18.91
C ASP A 214 -5.80 0.32 17.76
N PHE A 215 -5.14 1.21 17.05
CA PHE A 215 -4.35 0.81 15.86
C PHE A 215 -3.29 -0.24 16.25
N ARG A 216 -2.50 0.05 17.29
CA ARG A 216 -1.45 -0.90 17.73
C ARG A 216 -2.07 -2.26 18.09
N GLN A 217 -3.16 -2.23 18.88
CA GLN A 217 -3.80 -3.48 19.30
C GLN A 217 -4.23 -4.30 18.10
N ASN A 218 -4.78 -3.60 17.12
CA ASN A 218 -5.21 -4.24 15.88
C ASN A 218 -4.06 -4.84 15.08
N LEU A 219 -3.00 -4.04 14.87
CA LEU A 219 -1.80 -4.57 14.20
C LEU A 219 -1.29 -5.83 14.92
N GLN A 220 -1.27 -5.77 16.26
CA GLN A 220 -0.71 -6.87 17.05
C GLN A 220 -1.53 -8.16 16.89
N ARG A 221 -2.86 -8.05 16.88
CA ARG A 221 -3.68 -9.28 16.76
C ARG A 221 -3.49 -9.90 15.38
N PHE A 222 -3.28 -9.08 14.36
CA PHE A 222 -2.92 -9.64 13.05
C PHE A 222 -1.54 -10.29 13.07
N ALA A 223 -0.53 -9.58 13.56
CA ALA A 223 0.81 -10.18 13.66
C ALA A 223 0.73 -11.53 14.38
N ASP A 224 -0.10 -11.60 15.43
CA ASP A 224 -0.17 -12.83 16.24
C ASP A 224 -0.82 -14.02 15.51
N LEU A 225 -1.48 -13.76 14.37
CA LEU A 225 -1.94 -14.86 13.48
C LEU A 225 -0.77 -15.52 12.73
N GLY A 226 0.42 -14.94 12.85
CA GLY A 226 1.61 -15.44 12.16
C GLY A 226 1.82 -14.82 10.78
N VAL A 227 1.52 -13.53 10.67
CA VAL A 227 1.80 -12.81 9.43
C VAL A 227 2.48 -11.49 9.77
N ASP A 228 3.17 -10.91 8.78
CA ASP A 228 3.76 -9.58 8.97
C ASP A 228 2.68 -8.53 8.71
N VAL A 229 2.87 -7.34 9.25
CA VAL A 229 1.92 -6.24 8.98
C VAL A 229 2.68 -5.02 8.46
N ARG A 230 1.99 -4.14 7.74
CA ARG A 230 2.62 -2.95 7.16
C ARG A 230 1.59 -1.86 7.01
N ILE A 231 2.01 -0.61 7.26
CA ILE A 231 1.21 0.57 6.96
C ILE A 231 1.60 0.94 5.52
N THR A 232 0.66 0.81 4.61
CA THR A 232 1.01 0.77 3.15
C THR A 232 0.75 2.04 2.36
N GLU A 233 -0.17 2.89 2.82
CA GLU A 233 -0.55 4.06 1.99
C GLU A 233 -0.86 5.28 2.85
N LEU A 234 -0.02 5.51 3.85
CA LEU A 234 -0.30 6.56 4.81
C LEU A 234 -0.37 7.95 4.16
N ASP A 235 -1.46 8.64 4.45
CA ASP A 235 -1.58 10.10 4.29
C ASP A 235 -2.66 10.56 5.27
N ILE A 236 -2.64 11.84 5.64
CA ILE A 236 -3.53 12.29 6.73
C ILE A 236 -4.08 13.62 6.29
N ARG A 237 -5.28 13.59 5.72
CA ARG A 237 -5.79 14.75 4.98
C ARG A 237 -6.53 15.71 5.90
N MET A 238 -6.49 16.99 5.53
CA MET A 238 -7.14 18.06 6.27
C MET A 238 -7.96 18.93 5.32
N ARG A 239 -8.82 19.79 5.87
CA ARG A 239 -9.45 20.85 5.07
C ARG A 239 -8.38 21.87 4.71
N THR A 240 -8.29 22.20 3.41
CA THR A 240 -7.27 23.14 2.93
C THR A 240 -7.79 24.59 3.05
N PRO A 241 -6.90 25.59 3.12
CA PRO A 241 -5.44 25.49 3.20
C PRO A 241 -5.03 25.10 4.62
N SER A 242 -3.81 24.60 4.77
CA SER A 242 -3.29 24.26 6.07
C SER A 242 -3.13 25.51 6.93
N ASP A 243 -3.05 25.31 8.24
CA ASP A 243 -2.67 26.37 9.17
C ASP A 243 -1.85 25.73 10.29
N ALA A 244 -1.35 26.52 11.23
CA ALA A 244 -0.47 25.99 12.27
C ALA A 244 -1.13 24.89 13.09
N THR A 245 -2.38 25.10 13.50
CA THR A 245 -3.11 24.11 14.31
C THR A 245 -3.22 22.76 13.56
N LYS A 246 -3.67 22.83 12.31
CA LYS A 246 -3.87 21.61 11.52
C LYS A 246 -2.56 20.89 11.27
N LEU A 247 -1.51 21.65 10.96
CA LEU A 247 -0.17 21.04 10.75
C LEU A 247 0.38 20.36 11.99
N ALA A 248 0.14 20.96 13.17
CA ALA A 248 0.57 20.36 14.42
C ALA A 248 -0.21 19.07 14.71
N THR A 249 -1.52 19.10 14.49
CA THR A 249 -2.35 17.89 14.73
C THR A 249 -1.88 16.81 13.77
N GLN A 250 -1.68 17.20 12.51
CA GLN A 250 -1.22 16.23 11.48
C GLN A 250 0.10 15.60 11.89
N ALA A 251 1.01 16.40 12.44
CA ALA A 251 2.32 15.92 12.89
C ALA A 251 2.12 14.88 14.00
N ALA A 252 1.30 15.24 14.99
CA ALA A 252 0.99 14.32 16.09
C ALA A 252 0.41 13.02 15.57
N ASP A 253 -0.39 13.11 14.52
CA ASP A 253 -1.07 11.96 13.89
C ASP A 253 -0.07 11.06 13.20
N TYR A 254 0.85 11.65 12.44
CA TYR A 254 1.92 10.86 11.83
C TYR A 254 2.72 10.13 12.91
N LYS A 255 3.00 10.81 14.02
CA LYS A 255 3.77 10.19 15.09
C LYS A 255 2.98 8.98 15.65
N LYS A 256 1.67 9.17 15.89
CA LYS A 256 0.82 8.09 16.41
C LYS A 256 0.91 6.84 15.49
N VAL A 257 0.85 7.06 14.18
CA VAL A 257 0.85 5.92 13.25
C VAL A 257 2.20 5.23 13.24
N VAL A 258 3.28 5.99 13.15
CA VAL A 258 4.60 5.37 13.09
C VAL A 258 4.91 4.65 14.41
N GLN A 259 4.50 5.26 15.54
CA GLN A 259 4.68 4.60 16.85
C GLN A 259 3.91 3.29 16.93
N ALA A 260 2.68 3.26 16.41
CA ALA A 260 1.88 2.02 16.47
C ALA A 260 2.67 0.90 15.77
N CYS A 261 3.23 1.22 14.59
CA CYS A 261 4.08 0.27 13.88
C CYS A 261 5.34 -0.13 14.70
N MET A 262 6.04 0.84 15.27
CA MET A 262 7.23 0.60 16.06
C MET A 262 6.92 -0.36 17.24
N GLN A 263 5.70 -0.27 17.75
CA GLN A 263 5.26 -1.05 18.92
C GLN A 263 4.87 -2.49 18.60
N VAL A 264 4.90 -2.86 17.32
CA VAL A 264 4.53 -4.22 16.90
C VAL A 264 5.73 -4.79 16.17
N THR A 265 6.31 -5.86 16.73
CA THR A 265 7.61 -6.36 16.24
C THR A 265 7.57 -6.79 14.77
N ARG A 266 6.42 -7.29 14.32
CA ARG A 266 6.29 -7.75 12.92
C ARG A 266 5.74 -6.69 12.00
N CYS A 267 5.66 -5.44 12.47
CA CYS A 267 5.29 -4.35 11.57
C CYS A 267 6.52 -3.95 10.75
N GLN A 268 6.47 -4.19 9.44
CA GLN A 268 7.67 -4.08 8.63
C GLN A 268 8.09 -2.63 8.44
N GLY A 269 7.10 -1.75 8.52
CA GLY A 269 7.37 -0.31 8.38
C GLY A 269 6.16 0.42 7.82
N VAL A 270 6.41 1.62 7.33
CA VAL A 270 5.38 2.55 6.93
C VAL A 270 5.72 3.08 5.53
N THR A 271 4.74 3.06 4.63
CA THR A 271 4.88 3.65 3.29
C THR A 271 3.87 4.80 3.21
N VAL A 272 4.32 5.99 2.79
CA VAL A 272 3.41 7.11 2.61
C VAL A 272 3.00 7.20 1.13
N TRP A 273 1.77 7.63 0.90
CA TRP A 273 1.20 7.54 -0.42
C TRP A 273 1.54 8.78 -1.25
N GLY A 274 2.85 8.94 -1.48
CA GLY A 274 3.37 10.08 -2.23
C GLY A 274 4.43 10.84 -1.45
N ILE A 275 5.04 11.81 -2.13
CA ILE A 275 6.07 12.65 -1.51
C ILE A 275 5.47 14.01 -1.18
N THR A 276 4.91 14.65 -2.20
CA THR A 276 4.52 16.07 -2.09
C THR A 276 3.02 16.27 -2.26
N ASP A 277 2.45 17.16 -1.46
CA ASP A 277 1.07 17.64 -1.64
C ASP A 277 0.76 18.05 -3.07
N LYS A 278 1.79 18.51 -3.80
CA LYS A 278 1.68 18.92 -5.20
C LYS A 278 0.98 17.84 -6.04
N TYR A 279 1.22 16.56 -5.74
CA TYR A 279 0.77 15.46 -6.60
C TYR A 279 -0.19 14.48 -5.92
N SER A 280 -0.49 14.71 -4.65
CA SER A 280 -1.38 13.83 -3.88
C SER A 280 -2.71 13.58 -4.56
N TRP A 281 -3.17 12.32 -4.53
CA TRP A 281 -4.48 11.93 -5.05
C TRP A 281 -5.67 12.60 -4.33
N VAL A 282 -5.45 13.07 -3.10
CA VAL A 282 -6.56 13.47 -2.21
C VAL A 282 -7.46 14.59 -2.78
N PRO A 283 -6.88 15.75 -3.18
CA PRO A 283 -7.75 16.86 -3.65
C PRO A 283 -8.75 16.52 -4.77
N ASP A 284 -8.38 15.60 -5.66
CA ASP A 284 -9.25 15.19 -6.76
C ASP A 284 -10.46 14.37 -6.34
N VAL A 285 -10.32 13.63 -5.24
CA VAL A 285 -11.37 12.74 -4.76
C VAL A 285 -12.25 13.43 -3.71
N PHE A 286 -11.62 14.23 -2.85
CA PHE A 286 -12.27 14.91 -1.75
C PHE A 286 -12.17 16.43 -1.94
N PRO A 287 -13.21 17.04 -2.52
CA PRO A 287 -13.22 18.51 -2.72
C PRO A 287 -12.91 19.27 -1.44
N GLY A 288 -11.89 20.13 -1.47
CA GLY A 288 -11.56 21.00 -0.32
C GLY A 288 -10.72 20.33 0.75
N GLU A 289 -10.33 19.08 0.48
CA GLU A 289 -9.39 18.36 1.36
C GLU A 289 -8.04 18.19 0.67
N GLY A 290 -7.01 17.95 1.46
CA GLY A 290 -5.67 17.82 0.90
C GLY A 290 -4.60 18.02 1.94
N ALA A 291 -3.49 18.63 1.52
CA ALA A 291 -2.31 18.85 2.36
C ALA A 291 -2.01 17.61 3.23
N ALA A 292 -2.06 16.43 2.62
CA ALA A 292 -2.09 15.18 3.39
C ALA A 292 -0.71 14.55 3.61
N LEU A 293 0.32 15.04 2.89
CA LEU A 293 1.64 14.40 2.89
C LEU A 293 2.75 15.09 3.72
N VAL A 294 3.97 14.56 3.68
CA VAL A 294 5.04 15.05 4.54
C VAL A 294 5.73 16.30 3.98
N TRP A 295 5.73 16.44 2.65
CA TRP A 295 6.22 17.67 1.98
C TRP A 295 5.09 18.48 1.36
N ASP A 296 5.18 19.80 1.47
CA ASP A 296 4.15 20.64 0.85
C ASP A 296 4.34 20.78 -0.68
N ALA A 297 3.51 21.61 -1.31
CA ALA A 297 3.50 21.70 -2.76
C ALA A 297 4.75 22.40 -3.33
N SER A 298 5.56 22.99 -2.46
CA SER A 298 6.84 23.58 -2.86
C SER A 298 8.03 22.74 -2.34
N TYR A 299 7.73 21.50 -1.91
CA TYR A 299 8.75 20.56 -1.41
C TYR A 299 9.44 21.01 -0.14
N ALA A 300 8.76 21.83 0.66
CA ALA A 300 9.21 22.10 1.99
C ALA A 300 8.65 21.04 2.96
N LYS A 301 9.54 20.56 3.81
CA LYS A 301 9.20 19.69 4.93
C LYS A 301 8.14 20.34 5.80
N LYS A 302 7.09 19.58 6.09
CA LYS A 302 6.06 20.02 7.05
C LYS A 302 6.38 19.49 8.45
N PRO A 303 5.64 19.96 9.48
CA PRO A 303 5.92 19.44 10.84
C PRO A 303 5.85 17.93 10.98
N ALA A 304 5.08 17.30 10.09
CA ALA A 304 4.99 15.82 10.03
C ALA A 304 6.37 15.17 9.88
N TYR A 305 7.28 15.83 9.16
CA TYR A 305 8.63 15.29 8.95
C TYR A 305 9.34 15.00 10.28
N ALA A 306 9.44 16.01 11.16
CA ALA A 306 10.09 15.82 12.46
C ALA A 306 9.37 14.76 13.31
N ALA A 307 8.05 14.67 13.17
CA ALA A 307 7.26 13.72 13.95
C ALA A 307 7.62 12.30 13.51
N VAL A 308 7.75 12.10 12.20
CA VAL A 308 8.12 10.76 11.69
C VAL A 308 9.52 10.39 12.18
N MET A 309 10.45 11.34 12.06
CA MET A 309 11.81 11.11 12.53
CA MET A 309 11.81 11.16 12.55
C MET A 309 11.83 10.71 14.01
N GLU A 310 11.09 11.43 14.83
CA GLU A 310 10.98 11.13 16.26
C GLU A 310 10.38 9.76 16.53
N ALA A 311 9.34 9.39 15.78
CA ALA A 311 8.63 8.15 16.02
C ALA A 311 9.52 6.94 15.70
N PHE A 312 10.37 7.07 14.68
CA PHE A 312 11.31 5.98 14.34
C PHE A 312 12.44 5.83 15.36
N GLY A 313 12.50 6.76 16.31
N GLY A 313 12.75 6.93 16.03
CA GLY A 313 13.37 6.63 17.48
CA GLY A 313 13.96 7.03 16.85
C GLY A 313 14.65 7.39 17.27
C GLY A 313 13.65 6.60 18.25
N ALA A 314 14.62 8.31 16.30
N ALA A 314 12.35 6.53 18.55
CA ALA A 314 15.75 9.14 15.96
CA ALA A 314 11.90 6.10 19.86
C ALA A 314 15.70 10.43 16.75
C ALA A 314 11.73 4.59 19.89
#